data_8R10
#
_entry.id   8R10
#
_cell.length_a   97.257
_cell.length_b   97.257
_cell.length_c   80.319
_cell.angle_alpha   90.000
_cell.angle_beta   90.000
_cell.angle_gamma   120.000
#
_symmetry.space_group_name_H-M   'P 65'
#
loop_
_entity.id
_entity.type
_entity.pdbx_description
1 polymer 'Serine/threonine-protein kinase pim-1'
2 polymer Pimtide
3 non-polymer '(Z)-4-(4-hydroxystyryl)benzoic acid'
4 water water
#
loop_
_entity_poly.entity_id
_entity_poly.type
_entity_poly.pdbx_seq_one_letter_code
_entity_poly.pdbx_strand_id
1 'polypeptide(L)'
;SMLLSKINSLAHLRAAPCNDLHATKLAPGKEKEPLESQYQVGPLLGSGGFGSVYSGIRVSDNLPVAIKHVEKDRISDWGE
LPNGTRVPMEVVLLKKVSSGFSGVIRLLDWFERPDSFVLILERPEPVQDLFDFITERGALQEELARSFFWQVLEAVRHCH
NCGVLHRDIKDENILIDLNRGELKLIDFGSGALLKDTVYTDFDGTRVYSPPEWIRYHRYHGRSAAVWSLGILLYDMVCGD
IPFEHDEEIIGGQVFFRQRVS(SEP)ECQHLIRWCLALRPSDRPTFEEIQNHPWMQDVLLPQETAEIHLHSLSPGPS
;
A
2 'polypeptide(L)' ARKRRRHPSGPPTA C
#
loop_
_chem_comp.id
_chem_comp.type
_chem_comp.name
_chem_comp.formula
XGQ non-polymer '(Z)-4-(4-hydroxystyryl)benzoic acid' 'C15 H12 O3'
#
# COMPACT_ATOMS: atom_id res chain seq x y z
N PRO A 34 8.29 29.43 -6.04
CA PRO A 34 6.86 29.51 -6.35
C PRO A 34 6.31 28.19 -6.91
N LEU A 35 5.07 27.86 -6.55
CA LEU A 35 4.47 26.60 -6.97
C LEU A 35 3.80 26.69 -8.34
N GLU A 36 3.05 27.76 -8.60
CA GLU A 36 2.35 27.89 -9.86
C GLU A 36 3.29 28.06 -11.05
N SER A 37 4.55 28.43 -10.80
CA SER A 37 5.51 28.70 -11.87
C SER A 37 6.24 27.45 -12.35
N GLN A 38 6.48 26.48 -11.48
CA GLN A 38 7.26 25.31 -11.85
C GLN A 38 6.41 24.16 -12.38
N TYR A 39 5.10 24.15 -12.13
CA TYR A 39 4.24 23.05 -12.53
C TYR A 39 3.03 23.55 -13.28
N GLN A 40 2.64 22.83 -14.32
CA GLN A 40 1.36 23.03 -14.99
C GLN A 40 0.35 22.10 -14.32
N VAL A 41 -0.63 22.70 -13.65
CA VAL A 41 -1.63 21.94 -12.90
C VAL A 41 -2.73 21.50 -13.85
N GLY A 42 -3.13 20.24 -13.75
CA GLY A 42 -4.17 19.70 -14.58
C GLY A 42 -5.40 19.34 -13.78
N PRO A 43 -6.10 18.29 -14.19
CA PRO A 43 -7.37 17.94 -13.57
C PRO A 43 -7.18 17.07 -12.34
N LEU A 44 -8.26 16.91 -11.59
CA LEU A 44 -8.26 16.04 -10.42
C LEU A 44 -7.96 14.60 -10.82
N LEU A 45 -7.28 13.87 -9.93
CA LEU A 45 -7.18 12.43 -10.01
C LEU A 45 -7.87 11.71 -8.87
N GLY A 46 -8.08 12.38 -7.73
CA GLY A 46 -8.77 11.82 -6.58
C GLY A 46 -8.57 12.70 -5.37
N SER A 52 -7.45 15.27 -2.26
CA SER A 52 -7.28 16.28 -3.32
C SER A 52 -5.94 16.15 -4.01
N VAL A 53 -5.90 15.39 -5.10
CA VAL A 53 -4.68 15.13 -5.85
C VAL A 53 -4.95 15.45 -7.31
N TYR A 54 -4.08 16.26 -7.91
CA TYR A 54 -4.23 16.75 -9.27
C TYR A 54 -3.13 16.19 -10.16
N SER A 55 -3.47 15.91 -11.40
CA SER A 55 -2.44 15.58 -12.37
C SER A 55 -1.69 16.85 -12.75
N GLY A 56 -0.41 16.68 -13.07
CA GLY A 56 0.40 17.84 -13.43
C GLY A 56 1.61 17.40 -14.22
N ILE A 57 2.33 18.41 -14.73
CA ILE A 57 3.56 18.20 -15.48
C ILE A 57 4.58 19.22 -14.97
N ARG A 58 5.81 18.76 -14.73
CA ARG A 58 6.87 19.69 -14.34
C ARG A 58 7.31 20.49 -15.55
N VAL A 59 7.26 21.82 -15.43
CA VAL A 59 7.50 22.68 -16.60
C VAL A 59 8.90 22.47 -17.14
N SER A 60 9.88 22.26 -16.25
CA SER A 60 11.27 22.08 -16.67
C SER A 60 11.42 21.00 -17.73
N ASP A 61 11.03 19.77 -17.41
CA ASP A 61 11.31 18.60 -18.26
C ASP A 61 10.04 17.86 -18.72
N ASN A 62 8.86 18.45 -18.54
CA ASN A 62 7.58 17.81 -18.90
C ASN A 62 7.38 16.47 -18.19
N LEU A 63 8.00 16.30 -17.04
CA LEU A 63 7.82 15.07 -16.27
C LEU A 63 6.41 15.03 -15.69
N PRO A 64 5.68 13.93 -15.85
CA PRO A 64 4.36 13.83 -15.20
C PRO A 64 4.52 13.72 -13.69
N VAL A 65 3.71 14.48 -12.96
CA VAL A 65 3.72 14.46 -11.50
C VAL A 65 2.29 14.34 -10.99
N ALA A 66 2.17 14.05 -9.70
CA ALA A 66 0.90 14.16 -8.98
C ALA A 66 1.05 15.27 -7.95
N ILE A 67 0.07 16.16 -7.89
CA ILE A 67 0.13 17.32 -7.02
C ILE A 67 -0.91 17.12 -5.93
N LYS A 68 -0.44 16.86 -4.72
CA LYS A 68 -1.28 16.44 -3.61
C LYS A 68 -1.35 17.56 -2.58
N HIS A 69 -2.57 17.94 -2.21
CA HIS A 69 -2.83 19.02 -1.26
C HIS A 69 -3.37 18.44 0.02
N VAL A 70 -2.82 18.89 1.14
CA VAL A 70 -3.17 18.38 2.46
C VAL A 70 -3.46 19.60 3.34
N GLU A 71 -4.65 19.63 3.93
CA GLU A 71 -5.05 20.77 4.76
C GLU A 71 -4.41 20.65 6.14
N LYS A 72 -3.84 21.77 6.64
CA LYS A 72 -3.16 21.74 7.93
C LYS A 72 -4.13 21.32 9.05
N ASP A 73 -5.37 21.80 9.00
CA ASP A 73 -6.35 21.50 10.04
C ASP A 73 -6.65 20.00 10.15
N ARG A 74 -6.36 19.21 9.12
CA ARG A 74 -6.68 17.78 9.13
C ARG A 74 -5.47 16.90 9.43
N ILE A 75 -4.31 17.49 9.70
CA ILE A 75 -3.08 16.71 9.88
C ILE A 75 -3.00 16.25 11.33
N SER A 76 -3.01 14.93 11.51
CA SER A 76 -2.94 14.36 12.86
C SER A 76 -1.53 14.49 13.44
N ASP A 77 -0.54 13.86 12.80
CA ASP A 77 0.81 13.79 13.33
C ASP A 77 1.74 14.72 12.56
N TRP A 78 2.55 15.48 13.29
CA TRP A 78 3.57 16.33 12.72
C TRP A 78 4.95 15.80 13.07
N GLY A 79 5.93 16.16 12.24
CA GLY A 79 7.31 15.82 12.47
C GLY A 79 8.21 16.99 12.11
N GLU A 80 9.52 16.75 12.09
CA GLU A 80 10.48 17.81 11.77
C GLU A 80 11.61 17.24 10.94
N LEU A 81 12.30 18.13 10.24
CA LEU A 81 13.42 17.76 9.38
C LEU A 81 14.62 18.68 9.61
N THR A 85 12.12 22.83 11.12
CA THR A 85 11.06 22.90 10.11
C THR A 85 9.96 21.89 10.43
N ARG A 86 8.78 22.39 10.78
CA ARG A 86 7.67 21.55 11.19
C ARG A 86 6.85 21.19 9.95
N VAL A 87 6.70 19.89 9.70
CA VAL A 87 6.05 19.40 8.49
C VAL A 87 5.10 18.26 8.86
N PRO A 88 4.15 17.95 7.98
CA PRO A 88 3.34 16.74 8.18
C PRO A 88 4.23 15.50 8.24
N MET A 89 3.90 14.60 9.16
CA MET A 89 4.61 13.32 9.24
C MET A 89 4.72 12.66 7.87
N GLU A 90 3.69 12.82 7.03
CA GLU A 90 3.71 12.22 5.70
C GLU A 90 4.95 12.65 4.93
N VAL A 91 5.33 13.93 5.05
CA VAL A 91 6.52 14.42 4.36
C VAL A 91 7.77 13.80 4.97
N VAL A 92 7.83 13.73 6.30
CA VAL A 92 8.93 13.04 6.97
C VAL A 92 9.11 11.65 6.42
N LEU A 93 8.02 10.87 6.39
CA LEU A 93 8.14 9.47 5.96
C LEU A 93 8.52 9.36 4.49
N LEU A 94 7.94 10.22 3.64
CA LEU A 94 8.27 10.16 2.23
C LEU A 94 9.74 10.48 1.99
N LYS A 95 10.30 11.42 2.76
CA LYS A 95 11.73 11.71 2.61
C LYS A 95 12.58 10.53 3.08
N LYS A 96 12.17 9.86 4.16
CA LYS A 96 12.98 8.74 4.67
C LYS A 96 13.03 7.57 3.69
N VAL A 97 12.02 7.38 2.83
CA VAL A 97 12.04 6.28 1.87
C VAL A 97 12.47 6.71 0.48
N SER A 98 12.71 8.01 0.26
CA SER A 98 13.15 8.50 -1.04
C SER A 98 14.58 8.04 -1.34
N PHE A 101 15.27 3.12 -5.44
CA PHE A 101 14.32 2.00 -5.38
C PHE A 101 12.96 2.43 -5.87
N SER A 102 12.47 1.74 -6.89
CA SER A 102 11.26 2.14 -7.59
C SER A 102 9.98 1.58 -6.95
N GLY A 103 10.08 0.88 -5.81
CA GLY A 103 8.91 0.25 -5.22
C GLY A 103 8.06 1.16 -4.35
N VAL A 104 8.57 2.34 -3.99
N VAL A 104 8.58 2.32 -3.97
CA VAL A 104 7.84 3.30 -3.19
CA VAL A 104 7.80 3.29 -3.20
C VAL A 104 7.76 4.60 -3.97
C VAL A 104 7.75 4.58 -4.01
N ILE A 105 6.64 5.31 -3.86
CA ILE A 105 6.47 6.56 -4.59
C ILE A 105 7.52 7.57 -4.13
N ARG A 106 8.06 8.33 -5.06
CA ARG A 106 9.08 9.33 -4.79
C ARG A 106 8.43 10.71 -4.60
N LEU A 107 8.70 11.33 -3.45
CA LEU A 107 8.40 12.75 -3.25
C LEU A 107 9.44 13.60 -3.97
N LEU A 108 9.02 14.38 -4.95
CA LEU A 108 9.95 15.20 -5.72
C LEU A 108 10.18 16.57 -5.11
N ASP A 109 9.22 17.09 -4.35
CA ASP A 109 9.29 18.44 -3.80
C ASP A 109 8.04 18.63 -2.94
N TRP A 110 8.05 19.69 -2.14
CA TRP A 110 6.87 20.06 -1.36
C TRP A 110 6.98 21.55 -1.04
N PHE A 111 5.82 22.16 -0.80
CA PHE A 111 5.71 23.57 -0.47
C PHE A 111 4.80 23.73 0.74
N GLU A 112 5.03 24.78 1.52
CA GLU A 112 4.11 25.17 2.58
C GLU A 112 3.32 26.38 2.11
N ARG A 113 2.01 26.35 2.35
CA ARG A 113 1.09 27.44 2.07
C ARG A 113 0.46 27.86 3.39
N PRO A 114 -0.29 28.98 3.44
CA PRO A 114 -0.89 29.37 4.73
C PRO A 114 -1.67 28.27 5.43
N ASP A 115 -2.58 27.59 4.73
CA ASP A 115 -3.47 26.62 5.35
C ASP A 115 -3.23 25.19 4.87
N SER A 116 -2.18 24.94 4.07
CA SER A 116 -1.99 23.62 3.51
C SER A 116 -0.53 23.37 3.18
N PHE A 117 -0.20 22.11 2.98
CA PHE A 117 1.04 21.69 2.36
C PHE A 117 0.72 21.07 1.00
N VAL A 118 1.63 21.25 0.07
CA VAL A 118 1.49 20.74 -1.29
C VAL A 118 2.66 19.79 -1.54
N LEU A 119 2.34 18.56 -1.93
CA LEU A 119 3.33 17.53 -2.16
C LEU A 119 3.39 17.25 -3.66
N ILE A 120 4.59 17.30 -4.24
CA ILE A 120 4.79 16.96 -5.64
C ILE A 120 5.31 15.54 -5.69
N LEU A 121 4.51 14.63 -6.22
CA LEU A 121 4.82 13.21 -6.22
C LEU A 121 4.98 12.71 -7.65
N GLU A 122 5.80 11.68 -7.79
CA GLU A 122 5.98 11.01 -9.07
C GLU A 122 4.64 10.48 -9.58
N ARG A 123 4.47 10.50 -10.89
CA ARG A 123 3.27 9.94 -11.51
C ARG A 123 3.65 9.04 -12.68
N PRO A 124 3.60 7.72 -12.50
CA PRO A 124 3.79 6.83 -13.65
C PRO A 124 2.71 7.04 -14.70
N GLU A 125 3.06 6.77 -15.94
CA GLU A 125 2.15 6.94 -17.05
C GLU A 125 2.59 6.00 -18.16
N PRO A 126 1.73 5.07 -18.60
CA PRO A 126 0.35 4.82 -18.14
C PRO A 126 0.33 4.09 -16.80
N VAL A 127 -0.68 4.37 -15.97
CA VAL A 127 -0.80 3.78 -14.64
C VAL A 127 -2.25 3.37 -14.40
N GLN A 128 -2.43 2.39 -13.51
CA GLN A 128 -3.73 2.05 -12.95
C GLN A 128 -3.50 1.57 -11.53
N ASP A 129 -4.36 1.97 -10.59
CA ASP A 129 -4.10 1.46 -9.26
C ASP A 129 -4.63 0.02 -9.17
N LEU A 130 -4.07 -0.71 -8.20
CA LEU A 130 -4.39 -2.14 -8.08
C LEU A 130 -5.86 -2.39 -7.77
N PHE A 131 -6.53 -1.45 -7.09
CA PHE A 131 -7.97 -1.65 -6.84
C PHE A 131 -8.76 -1.69 -8.14
N ASP A 132 -8.61 -0.67 -8.99
CA ASP A 132 -9.31 -0.68 -10.27
C ASP A 132 -8.89 -1.87 -11.12
N PHE A 133 -7.60 -2.23 -11.06
CA PHE A 133 -7.10 -3.35 -11.84
C PHE A 133 -7.82 -4.63 -11.47
N ILE A 134 -7.98 -4.89 -10.17
CA ILE A 134 -8.66 -6.10 -9.72
C ILE A 134 -10.14 -6.02 -10.02
N THR A 135 -10.74 -4.84 -9.89
CA THR A 135 -12.15 -4.69 -10.26
C THR A 135 -12.38 -5.09 -11.71
N GLU A 136 -11.54 -4.60 -12.62
CA GLU A 136 -11.79 -4.84 -14.04
C GLU A 136 -11.45 -6.27 -14.44
N ARG A 137 -10.42 -6.86 -13.84
CA ARG A 137 -9.96 -8.15 -14.31
C ARG A 137 -10.43 -9.31 -13.43
N GLY A 138 -10.98 -9.02 -12.26
CA GLY A 138 -11.39 -10.09 -11.36
C GLY A 138 -10.21 -10.69 -10.65
N ALA A 139 -10.43 -11.89 -10.10
CA ALA A 139 -9.37 -12.63 -9.43
C ALA A 139 -8.17 -12.83 -10.37
N LEU A 140 -6.98 -12.58 -9.85
CA LEU A 140 -5.77 -12.65 -10.65
C LEU A 140 -5.23 -14.07 -10.68
N GLN A 141 -4.75 -14.50 -11.84
CA GLN A 141 -3.93 -15.71 -11.93
C GLN A 141 -2.82 -15.67 -10.88
N GLU A 142 -2.49 -16.84 -10.33
CA GLU A 142 -1.55 -16.87 -9.21
C GLU A 142 -0.15 -16.40 -9.61
N GLU A 143 0.27 -16.71 -10.85
CA GLU A 143 1.55 -16.22 -11.33
C GLU A 143 1.63 -14.70 -11.25
N LEU A 144 0.55 -14.02 -11.62
CA LEU A 144 0.51 -12.56 -11.59
C LEU A 144 0.39 -12.05 -10.16
N ALA A 145 -0.44 -12.70 -9.33
CA ALA A 145 -0.54 -12.29 -7.93
C ALA A 145 0.79 -12.52 -7.21
N ARG A 146 1.52 -13.56 -7.60
CA ARG A 146 2.84 -13.79 -7.02
C ARG A 146 3.77 -12.64 -7.31
N SER A 147 3.82 -12.19 -8.58
CA SER A 147 4.75 -11.13 -8.93
C SER A 147 4.37 -9.83 -8.22
N PHE A 148 3.10 -9.47 -8.26
CA PHE A 148 2.62 -8.26 -7.58
C PHE A 148 2.90 -8.32 -6.08
N PHE A 149 2.46 -9.40 -5.43
CA PHE A 149 2.67 -9.53 -3.98
C PHE A 149 4.15 -9.49 -3.61
N TRP A 150 5.01 -10.14 -4.39
CA TRP A 150 6.45 -10.07 -4.14
C TRP A 150 6.94 -8.64 -4.20
N GLN A 151 6.49 -7.87 -5.20
CA GLN A 151 6.94 -6.48 -5.29
C GLN A 151 6.43 -5.66 -4.12
N VAL A 152 5.21 -5.92 -3.65
CA VAL A 152 4.71 -5.21 -2.46
C VAL A 152 5.58 -5.56 -1.26
N LEU A 153 5.90 -6.84 -1.09
CA LEU A 153 6.79 -7.26 -0.02
C LEU A 153 8.13 -6.52 -0.07
N GLU A 154 8.77 -6.42 -1.24
CA GLU A 154 10.04 -5.71 -1.32
C GLU A 154 9.86 -4.23 -0.96
N ALA A 155 8.76 -3.62 -1.41
CA ALA A 155 8.50 -2.22 -1.11
C ALA A 155 8.32 -2.00 0.40
N VAL A 156 7.56 -2.87 1.05
CA VAL A 156 7.30 -2.70 2.48
C VAL A 156 8.57 -2.99 3.29
N ARG A 157 9.37 -3.97 2.85
CA ARG A 157 10.67 -4.18 3.48
C ARG A 157 11.53 -2.92 3.38
N HIS A 158 11.52 -2.28 2.21
CA HIS A 158 12.22 -1.02 2.03
C HIS A 158 11.74 0.00 3.05
N CYS A 159 10.42 0.14 3.23
CA CYS A 159 9.90 1.08 4.21
C CYS A 159 10.46 0.78 5.59
N HIS A 160 10.36 -0.48 6.02
CA HIS A 160 10.79 -0.83 7.37
C HIS A 160 12.29 -0.57 7.55
N ASN A 161 13.11 -0.91 6.55
CA ASN A 161 14.55 -0.68 6.62
C ASN A 161 14.87 0.80 6.77
N CYS A 162 14.03 1.68 6.23
CA CYS A 162 14.18 3.12 6.35
C CYS A 162 13.51 3.69 7.60
N GLY A 163 12.99 2.85 8.48
CA GLY A 163 12.35 3.35 9.70
C GLY A 163 10.92 3.81 9.53
N VAL A 164 10.21 3.35 8.49
CA VAL A 164 8.88 3.85 8.17
C VAL A 164 7.86 2.71 8.20
N LEU A 165 6.77 2.93 8.93
CA LEU A 165 5.63 2.01 8.96
C LEU A 165 4.48 2.65 8.20
N HIS A 166 4.03 1.98 7.13
CA HIS A 166 3.05 2.59 6.23
C HIS A 166 1.67 2.67 6.85
N ARG A 167 1.20 1.57 7.47
CA ARG A 167 -0.08 1.46 8.16
C ARG A 167 -1.32 1.56 7.26
N ASP A 168 -1.18 1.56 5.94
CA ASP A 168 -2.37 1.54 5.10
C ASP A 168 -2.12 0.74 3.82
N ILE A 169 -1.44 -0.39 3.94
CA ILE A 169 -1.27 -1.28 2.78
C ILE A 169 -2.63 -1.79 2.33
N LYS A 170 -2.96 -1.57 1.06
CA LYS A 170 -4.19 -2.06 0.45
C LYS A 170 -4.08 -1.83 -1.05
N ASP A 171 -4.98 -2.46 -1.82
CA ASP A 171 -4.87 -2.37 -3.27
C ASP A 171 -5.06 -0.94 -3.75
N GLU A 172 -5.88 -0.14 -3.05
CA GLU A 172 -6.06 1.27 -3.43
C GLU A 172 -4.77 2.06 -3.36
N ASN A 173 -3.84 1.65 -2.49
CA ASN A 173 -2.60 2.39 -2.28
C ASN A 173 -1.41 1.77 -3.00
N ILE A 174 -1.67 1.10 -4.12
CA ILE A 174 -0.64 0.46 -4.93
C ILE A 174 -0.89 0.83 -6.38
N LEU A 175 0.11 1.45 -7.01
CA LEU A 175 0.04 1.83 -8.42
C LEU A 175 0.78 0.79 -9.25
N ILE A 176 0.21 0.47 -10.42
CA ILE A 176 0.85 -0.42 -11.37
C ILE A 176 1.36 0.43 -12.54
N ASP A 177 2.68 0.45 -12.73
CA ASP A 177 3.25 1.00 -13.96
C ASP A 177 3.05 -0.06 -15.04
N LEU A 178 2.06 0.18 -15.91
CA LEU A 178 1.61 -0.85 -16.86
C LEU A 178 2.66 -1.18 -17.91
N ASN A 179 3.57 -0.25 -18.23
CA ASN A 179 4.57 -0.57 -19.23
C ASN A 179 5.77 -1.29 -18.64
N ARG A 180 6.19 -0.90 -17.43
CA ARG A 180 7.35 -1.55 -16.80
C ARG A 180 6.95 -2.74 -15.92
N GLY A 181 5.67 -2.93 -15.64
CA GLY A 181 5.26 -4.01 -14.75
C GLY A 181 5.76 -3.85 -13.33
N GLU A 182 6.05 -2.62 -12.91
CA GLU A 182 6.54 -2.30 -11.57
C GLU A 182 5.41 -1.71 -10.74
N LEU A 183 5.32 -2.13 -9.48
CA LEU A 183 4.32 -1.65 -8.55
C LEU A 183 4.91 -0.59 -7.63
N LYS A 184 4.09 0.38 -7.23
CA LYS A 184 4.51 1.47 -6.36
C LYS A 184 3.51 1.66 -5.23
N LEU A 185 4.04 1.65 -4.01
CA LEU A 185 3.26 1.93 -2.80
C LEU A 185 3.09 3.43 -2.62
N ILE A 186 1.85 3.89 -2.42
CA ILE A 186 1.56 5.32 -2.34
C ILE A 186 0.83 5.63 -1.03
N ASP A 187 0.54 6.92 -0.84
CA ASP A 187 -0.23 7.49 0.27
C ASP A 187 0.29 7.06 1.64
N PHE A 188 1.32 7.76 2.11
CA PHE A 188 1.86 7.59 3.45
C PHE A 188 1.13 8.44 4.49
N GLY A 189 -0.07 8.91 4.18
CA GLY A 189 -0.80 9.81 5.09
C GLY A 189 -1.27 9.16 6.38
N SER A 190 -1.20 7.84 6.49
CA SER A 190 -1.56 7.14 7.73
C SER A 190 -0.35 6.55 8.44
N GLY A 191 0.86 6.79 7.93
CA GLY A 191 2.04 6.10 8.42
C GLY A 191 2.59 6.67 9.73
N ALA A 192 3.64 6.01 10.22
CA ALA A 192 4.33 6.44 11.42
C ALA A 192 5.79 6.03 11.30
N LEU A 193 6.63 6.60 12.17
CA LEU A 193 7.96 6.06 12.37
C LEU A 193 7.82 4.62 12.83
N LEU A 194 8.67 3.76 12.32
CA LEU A 194 8.66 2.37 12.78
C LEU A 194 9.26 2.30 14.17
N LYS A 195 8.55 1.67 15.10
CA LYS A 195 9.09 1.38 16.42
C LYS A 195 8.74 -0.06 16.77
N ASP A 196 9.40 -0.56 17.81
CA ASP A 196 9.20 -1.92 18.29
C ASP A 196 8.21 -2.00 19.46
N THR A 197 7.77 -0.87 19.99
CA THR A 197 6.82 -0.87 21.09
C THR A 197 5.41 -0.80 20.54
N VAL A 198 4.42 -0.82 21.44
CA VAL A 198 3.04 -0.96 21.02
C VAL A 198 2.54 0.35 20.42
N TYR A 199 1.71 0.24 19.38
CA TYR A 199 0.92 1.34 18.86
C TYR A 199 -0.47 1.29 19.46
N THR A 200 -0.98 2.45 19.86
CA THR A 200 -2.34 2.56 20.40
C THR A 200 -3.20 3.53 19.60
N ASP A 201 -2.70 4.06 18.49
CA ASP A 201 -3.46 4.89 17.57
C ASP A 201 -3.39 4.26 16.17
N PHE A 202 -4.39 4.58 15.35
CA PHE A 202 -4.46 4.03 14.00
C PHE A 202 -5.47 4.83 13.19
N ASP A 203 -5.13 5.11 11.93
CA ASP A 203 -6.02 5.86 11.05
C ASP A 203 -6.03 5.28 9.63
N GLY A 204 -5.57 4.05 9.43
CA GLY A 204 -5.60 3.42 8.13
C GLY A 204 -6.97 2.84 7.86
N THR A 205 -7.02 1.80 7.02
CA THR A 205 -8.29 1.24 6.57
C THR A 205 -8.71 0.11 7.50
N ARG A 206 -9.92 0.21 8.05
CA ARG A 206 -10.34 -0.71 9.12
C ARG A 206 -10.42 -2.15 8.61
N VAL A 207 -10.88 -2.36 7.38
CA VAL A 207 -11.04 -3.72 6.87
C VAL A 207 -9.72 -4.40 6.55
N TYR A 208 -8.59 -3.65 6.61
CA TYR A 208 -7.26 -4.24 6.53
C TYR A 208 -6.55 -4.26 7.88
N SER A 209 -7.21 -3.78 8.96
CA SER A 209 -6.61 -3.70 10.28
C SER A 209 -6.76 -5.03 11.00
N PRO A 210 -5.84 -5.36 11.91
CA PRO A 210 -5.79 -6.71 12.46
C PRO A 210 -6.74 -6.87 13.64
N PRO A 211 -7.00 -8.11 14.05
CA PRO A 211 -7.95 -8.34 15.15
C PRO A 211 -7.53 -7.73 16.47
N GLU A 212 -6.22 -7.66 16.77
CA GLU A 212 -5.80 -7.05 18.03
C GLU A 212 -6.15 -5.57 18.06
N TRP A 213 -6.21 -4.90 16.90
CA TRP A 213 -6.66 -3.52 16.87
C TRP A 213 -8.17 -3.43 17.09
N ILE A 214 -8.93 -4.30 16.41
CA ILE A 214 -10.38 -4.34 16.59
C ILE A 214 -10.73 -4.57 18.06
N ARG A 215 -10.11 -5.59 18.67
CA ARG A 215 -10.52 -6.01 20.01
C ARG A 215 -9.93 -5.12 21.09
N TYR A 216 -8.62 -4.84 21.02
CA TYR A 216 -7.92 -4.22 22.14
C TYR A 216 -7.36 -2.84 21.87
N HIS A 217 -7.53 -2.28 20.67
CA HIS A 217 -6.96 -0.97 20.32
C HIS A 217 -5.44 -0.92 20.51
N ARG A 218 -4.75 -2.03 20.25
CA ARG A 218 -3.30 -2.04 20.28
C ARG A 218 -2.78 -3.00 19.21
N TYR A 219 -1.54 -2.78 18.78
CA TYR A 219 -0.89 -3.60 17.77
C TYR A 219 0.59 -3.24 17.71
N HIS A 220 1.38 -4.17 17.18
CA HIS A 220 2.77 -3.93 16.86
C HIS A 220 2.92 -3.82 15.34
N GLY A 221 3.89 -3.01 14.91
CA GLY A 221 3.89 -2.56 13.53
C GLY A 221 4.02 -3.68 12.51
N ARG A 222 5.04 -4.53 12.67
N ARG A 222 5.04 -4.53 12.68
CA ARG A 222 5.35 -5.54 11.68
CA ARG A 222 5.36 -5.55 11.69
C ARG A 222 4.25 -6.59 11.57
C ARG A 222 4.26 -6.58 11.58
N SER A 223 3.76 -7.07 12.72
CA SER A 223 2.73 -8.10 12.67
C SER A 223 1.41 -7.54 12.17
N ALA A 224 1.12 -6.26 12.45
CA ALA A 224 -0.05 -5.63 11.84
C ALA A 224 0.11 -5.53 10.32
N ALA A 225 1.31 -5.17 9.87
CA ALA A 225 1.57 -5.09 8.43
C ALA A 225 1.36 -6.45 7.77
N VAL A 226 1.83 -7.52 8.41
CA VAL A 226 1.68 -8.85 7.83
C VAL A 226 0.20 -9.22 7.71
N TRP A 227 -0.62 -8.85 8.71
CA TRP A 227 -2.06 -9.08 8.59
C TRP A 227 -2.61 -8.38 7.34
N SER A 228 -2.29 -7.10 7.17
CA SER A 228 -2.83 -6.38 6.01
C SER A 228 -2.35 -6.98 4.71
N LEU A 229 -1.15 -7.56 4.70
CA LEU A 229 -0.65 -8.24 3.50
C LEU A 229 -1.41 -9.53 3.25
N GLY A 230 -1.83 -10.23 4.31
CA GLY A 230 -2.73 -11.36 4.12
C GLY A 230 -4.05 -10.95 3.48
N ILE A 231 -4.63 -9.84 3.95
CA ILE A 231 -5.86 -9.32 3.35
C ILE A 231 -5.61 -9.01 1.88
N LEU A 232 -4.50 -8.33 1.59
CA LEU A 232 -4.16 -7.95 0.22
C LEU A 232 -4.02 -9.17 -0.68
N LEU A 233 -3.32 -10.20 -0.19
CA LEU A 233 -3.09 -11.39 -1.01
C LEU A 233 -4.41 -12.11 -1.32
N TYR A 234 -5.26 -12.29 -0.31
CA TYR A 234 -6.59 -12.84 -0.54
C TYR A 234 -7.34 -12.01 -1.59
N ASP A 235 -7.32 -10.69 -1.42
CA ASP A 235 -7.91 -9.77 -2.39
C ASP A 235 -7.43 -10.06 -3.81
N MET A 236 -6.12 -10.31 -3.98
CA MET A 236 -5.59 -10.51 -5.33
C MET A 236 -6.10 -11.79 -5.95
N VAL A 237 -6.07 -12.90 -5.20
CA VAL A 237 -6.40 -14.20 -5.80
C VAL A 237 -7.88 -14.54 -5.73
N CYS A 238 -8.67 -13.80 -4.94
CA CYS A 238 -10.11 -14.05 -4.90
C CYS A 238 -10.91 -12.93 -5.56
N GLY A 239 -10.30 -11.78 -5.81
CA GLY A 239 -10.99 -10.69 -6.46
C GLY A 239 -11.69 -9.72 -5.54
N ASP A 240 -11.71 -9.96 -4.23
CA ASP A 240 -12.14 -8.94 -3.26
C ASP A 240 -11.62 -9.37 -1.89
N ILE A 241 -11.66 -8.43 -0.94
CA ILE A 241 -11.11 -8.66 0.39
C ILE A 241 -11.99 -9.68 1.11
N PRO A 242 -11.46 -10.42 2.10
CA PRO A 242 -12.27 -11.47 2.73
C PRO A 242 -13.24 -10.97 3.78
N PHE A 243 -12.96 -9.85 4.46
CA PHE A 243 -13.74 -9.42 5.60
C PHE A 243 -14.27 -8.01 5.38
N GLU A 244 -15.53 -7.79 5.75
CA GLU A 244 -16.12 -6.46 5.78
C GLU A 244 -16.50 -5.98 7.17
N HIS A 245 -16.80 -6.90 8.09
CA HIS A 245 -17.33 -6.56 9.40
C HIS A 245 -16.35 -6.98 10.50
N ASP A 246 -16.41 -6.24 11.62
CA ASP A 246 -15.51 -6.50 12.74
C ASP A 246 -15.56 -7.97 13.15
N GLU A 247 -16.76 -8.53 13.24
CA GLU A 247 -16.93 -9.91 13.67
C GLU A 247 -16.21 -10.88 12.75
N GLU A 248 -16.20 -10.58 11.45
CA GLU A 248 -15.43 -11.43 10.53
C GLU A 248 -13.93 -11.28 10.78
N ILE A 249 -13.47 -10.06 11.08
CA ILE A 249 -12.04 -9.82 11.27
C ILE A 249 -11.53 -10.60 12.48
N ILE A 250 -12.26 -10.54 13.59
CA ILE A 250 -11.81 -11.23 14.80
C ILE A 250 -12.19 -12.69 14.80
N GLY A 251 -13.06 -13.12 13.88
CA GLY A 251 -13.54 -14.49 13.89
C GLY A 251 -12.50 -15.50 13.47
N GLY A 252 -11.56 -15.10 12.63
CA GLY A 252 -10.46 -15.98 12.29
C GLY A 252 -10.86 -17.20 11.47
N GLN A 253 -11.69 -16.97 10.45
CA GLN A 253 -12.05 -18.01 9.50
C GLN A 253 -11.94 -17.44 8.09
N VAL A 254 -11.24 -18.15 7.22
CA VAL A 254 -10.99 -17.69 5.87
C VAL A 254 -11.67 -18.69 4.94
N PHE A 255 -12.74 -18.27 4.28
CA PHE A 255 -13.42 -19.05 3.27
C PHE A 255 -12.93 -18.60 1.89
N PHE A 256 -12.56 -19.55 1.05
CA PHE A 256 -12.06 -19.22 -0.28
C PHE A 256 -13.18 -19.35 -1.29
N ARG A 257 -13.44 -18.25 -1.99
CA ARG A 257 -14.56 -18.12 -2.92
C ARG A 257 -14.15 -18.42 -4.36
N GLN A 258 -12.86 -18.58 -4.60
CA GLN A 258 -12.30 -18.94 -5.88
C GLN A 258 -11.38 -20.13 -5.67
N ARG A 259 -11.11 -20.85 -6.76
N ARG A 259 -11.09 -20.85 -6.75
CA ARG A 259 -10.06 -21.84 -6.72
CA ARG A 259 -10.08 -21.88 -6.65
C ARG A 259 -8.73 -21.17 -6.41
C ARG A 259 -8.72 -21.23 -6.42
N VAL A 260 -8.10 -21.57 -5.31
CA VAL A 260 -6.79 -21.07 -4.91
C VAL A 260 -5.97 -22.26 -4.48
N SER A 261 -4.72 -22.32 -4.93
CA SER A 261 -3.85 -23.46 -4.64
C SER A 261 -3.69 -23.62 -3.13
N SEP A 262 -3.46 -24.85 -2.70
CA SEP A 262 -3.23 -25.16 -1.28
CB SEP A 262 -3.02 -26.67 -1.14
OG SEP A 262 -4.16 -27.39 -1.60
C SEP A 262 -2.03 -24.38 -0.70
O SEP A 262 -2.06 -23.96 0.47
P SEP A 262 -3.90 -28.28 -2.94
O1P SEP A 262 -2.66 -29.29 -2.67
O2P SEP A 262 -3.45 -27.34 -4.19
O3P SEP A 262 -5.24 -29.12 -3.31
N GLU A 263 -1.00 -24.16 -1.51
CA GLU A 263 0.17 -23.43 -1.03
C GLU A 263 -0.19 -21.96 -0.77
N CYS A 264 -0.95 -21.35 -1.69
CA CYS A 264 -1.37 -19.96 -1.51
C CYS A 264 -2.33 -19.82 -0.33
N GLN A 265 -3.31 -20.73 -0.22
CA GLN A 265 -4.23 -20.70 0.92
C GLN A 265 -3.47 -20.79 2.23
N HIS A 266 -2.45 -21.65 2.28
CA HIS A 266 -1.67 -21.78 3.51
C HIS A 266 -0.97 -20.46 3.84
N LEU A 267 -0.34 -19.81 2.86
CA LEU A 267 0.32 -18.55 3.13
C LEU A 267 -0.68 -17.51 3.62
N ILE A 268 -1.83 -17.40 2.95
CA ILE A 268 -2.85 -16.43 3.36
C ILE A 268 -3.29 -16.69 4.80
N ARG A 269 -3.57 -17.96 5.12
CA ARG A 269 -4.07 -18.28 6.46
C ARG A 269 -3.01 -18.00 7.51
N TRP A 270 -1.74 -18.24 7.18
CA TRP A 270 -0.65 -17.93 8.09
C TRP A 270 -0.57 -16.42 8.34
N CYS A 271 -0.61 -15.61 7.27
CA CYS A 271 -0.61 -14.16 7.42
C CYS A 271 -1.77 -13.69 8.27
N LEU A 272 -2.91 -14.38 8.20
CA LEU A 272 -4.11 -13.99 8.92
C LEU A 272 -4.31 -14.79 10.21
N ALA A 273 -3.23 -15.32 10.79
CA ALA A 273 -3.32 -15.87 12.14
C ALA A 273 -3.85 -14.82 13.11
N LEU A 274 -4.79 -15.23 13.95
CA LEU A 274 -5.39 -14.30 14.92
C LEU A 274 -4.36 -13.78 15.91
N ARG A 275 -3.53 -14.66 16.45
CA ARG A 275 -2.51 -14.24 17.39
C ARG A 275 -1.33 -13.63 16.64
N PRO A 276 -0.96 -12.37 16.92
CA PRO A 276 0.11 -11.73 16.13
C PRO A 276 1.42 -12.50 16.10
N SER A 277 1.80 -13.14 17.21
CA SER A 277 3.08 -13.85 17.24
C SER A 277 3.05 -15.10 16.38
N ASP A 278 1.87 -15.58 15.98
CA ASP A 278 1.74 -16.72 15.08
C ASP A 278 1.93 -16.36 13.61
N ARG A 279 2.01 -15.06 13.28
CA ARG A 279 2.11 -14.65 11.90
C ARG A 279 3.54 -14.80 11.39
N PRO A 280 3.73 -14.99 10.09
CA PRO A 280 5.09 -15.11 9.56
C PRO A 280 5.80 -13.79 9.61
N THR A 281 7.14 -13.85 9.72
CA THR A 281 7.96 -12.70 9.43
C THR A 281 7.98 -12.46 7.92
N PHE A 282 8.54 -11.30 7.51
CA PHE A 282 8.67 -11.05 6.08
C PHE A 282 9.58 -12.08 5.41
N GLU A 283 10.63 -12.50 6.11
CA GLU A 283 11.52 -13.53 5.59
C GLU A 283 10.77 -14.85 5.41
N GLU A 284 9.93 -15.22 6.37
CA GLU A 284 9.16 -16.46 6.23
C GLU A 284 8.16 -16.35 5.07
N ILE A 285 7.57 -15.18 4.86
CA ILE A 285 6.69 -15.00 3.71
C ILE A 285 7.47 -15.22 2.42
N GLN A 286 8.61 -14.54 2.28
CA GLN A 286 9.34 -14.62 1.02
C GLN A 286 10.04 -15.95 0.82
N ASN A 287 10.27 -16.73 1.89
CA ASN A 287 10.75 -18.10 1.77
C ASN A 287 9.63 -19.12 1.60
N HIS A 288 8.37 -18.71 1.68
CA HIS A 288 7.28 -19.68 1.57
C HIS A 288 7.31 -20.36 0.19
N PRO A 289 6.96 -21.65 0.11
CA PRO A 289 6.90 -22.34 -1.20
C PRO A 289 6.10 -21.61 -2.28
N TRP A 290 4.96 -21.01 -1.93
CA TRP A 290 4.16 -20.34 -2.94
C TRP A 290 4.90 -19.19 -3.60
N MET A 291 5.88 -18.59 -2.92
CA MET A 291 6.54 -17.39 -3.38
C MET A 291 7.74 -17.64 -4.28
N GLN A 292 8.07 -18.89 -4.57
CA GLN A 292 9.25 -19.20 -5.34
C GLN A 292 9.01 -19.01 -6.85
N ASP A 293 10.10 -18.70 -7.56
CA ASP A 293 10.13 -18.56 -9.02
C ASP A 293 9.30 -17.37 -9.50
N VAL A 294 9.42 -16.24 -8.80
CA VAL A 294 8.68 -15.04 -9.18
C VAL A 294 9.11 -14.56 -10.56
N LEU A 295 8.15 -13.98 -11.28
CA LEU A 295 8.48 -13.28 -12.52
C LEU A 295 9.19 -11.96 -12.23
N LEU A 296 10.12 -11.61 -13.12
CA LEU A 296 10.69 -10.27 -13.14
C LEU A 296 9.60 -9.26 -13.52
N PRO A 297 9.77 -8.00 -13.11
CA PRO A 297 8.77 -6.98 -13.48
C PRO A 297 8.51 -6.90 -14.98
N GLN A 298 9.57 -6.91 -15.80
CA GLN A 298 9.38 -6.80 -17.25
C GLN A 298 8.67 -8.02 -17.81
N GLU A 299 9.05 -9.22 -17.37
CA GLU A 299 8.29 -10.42 -17.74
C GLU A 299 6.83 -10.28 -17.35
N THR A 300 6.57 -9.73 -16.15
CA THR A 300 5.19 -9.56 -15.71
C THR A 300 4.42 -8.67 -16.67
N ALA A 301 5.04 -7.57 -17.10
CA ALA A 301 4.39 -6.65 -18.02
C ALA A 301 4.11 -7.33 -19.37
N GLU A 302 5.08 -8.08 -19.88
CA GLU A 302 4.92 -8.64 -21.23
C GLU A 302 3.92 -9.78 -21.26
N ILE A 303 3.83 -10.57 -20.19
CA ILE A 303 2.93 -11.70 -20.18
C ILE A 303 1.51 -11.28 -19.79
N HIS A 304 1.39 -10.31 -18.86
CA HIS A 304 0.11 -10.04 -18.23
C HIS A 304 -0.45 -8.64 -18.46
N LEU A 305 0.35 -7.68 -18.90
CA LEU A 305 -0.07 -6.29 -18.95
C LEU A 305 -0.07 -5.67 -20.34
N HIS A 306 0.70 -6.20 -21.28
CA HIS A 306 0.76 -5.61 -22.62
C HIS A 306 -0.36 -6.16 -23.50
N ARG B 2 -21.41 -9.82 -5.75
CA ARG B 2 -21.53 -9.00 -4.53
C ARG B 2 -20.70 -7.72 -4.64
N LYS B 3 -21.06 -6.71 -3.85
CA LYS B 3 -20.58 -5.34 -4.05
C LYS B 3 -19.15 -5.20 -3.52
N ARG B 4 -18.19 -5.16 -4.43
CA ARG B 4 -16.84 -4.75 -4.08
C ARG B 4 -16.75 -3.24 -4.08
N ARG B 5 -16.09 -2.68 -3.07
CA ARG B 5 -16.04 -1.23 -2.93
C ARG B 5 -14.72 -0.81 -2.29
N ARG B 6 -14.40 0.47 -2.48
CA ARG B 6 -13.29 1.10 -1.79
C ARG B 6 -13.67 1.38 -0.34
N HIS B 7 -12.66 1.58 0.49
CA HIS B 7 -12.89 1.83 1.91
C HIS B 7 -12.00 2.99 2.37
N PRO B 8 -12.59 4.15 2.68
CA PRO B 8 -11.78 5.30 3.11
C PRO B 8 -10.97 5.00 4.35
N SER B 9 -9.81 5.64 4.43
CA SER B 9 -8.90 5.49 5.56
C SER B 9 -9.16 6.56 6.62
C9 XGQ C . -0.22 9.46 -8.39
C3 XGQ C . -3.91 6.96 -8.21
C4 XGQ C . -2.75 7.71 -8.21
C6 XGQ C . -3.02 8.15 -10.54
C8 XGQ C . -1.02 9.06 -9.38
C11 XGQ C . 0.93 9.28 -6.24
C13 XGQ C . -0.15 9.62 -4.11
C18 XGQ C . -1.41 9.73 -6.17
C17 XGQ C . -1.35 9.82 -4.78
C14 XGQ C . -0.08 9.65 -2.61
C2 XGQ C . -4.64 6.81 -9.38
C10 XGQ C . -0.27 9.46 -6.92
C12 XGQ C . 0.99 9.36 -4.86
C5 XGQ C . -4.19 7.41 -10.55
C7 XGQ C . -2.27 8.33 -9.37
O1 XGQ C . -5.77 6.05 -9.38
O15 XGQ C . 1.03 9.39 -2.07
O16 XGQ C . -1.12 9.92 -1.98
#